data_6ULM
#
_entry.id   6ULM
#
_cell.length_a   58.394
_cell.length_b   81.609
_cell.length_c   106.813
_cell.angle_alpha   90.000
_cell.angle_beta   90.000
_cell.angle_gamma   90.000
#
_symmetry.space_group_name_H-M   'P 21 21 21'
#
loop_
_entity.id
_entity.type
_entity.pdbx_description
1 polymer Cadherin-17
2 non-polymer 'CALCIUM ION'
3 water water
#
_entity_poly.entity_id   1
_entity_poly.type   'polypeptide(L)'
_entity_poly.pdbx_seq_one_letter_code
;MQEGKFSGPLKPMTFSIYEGQEPSQIIFQFKANPPAVTFELTGETDNIFVIEREGLLYYNRALDRETRSTHNLQVAALDA
NGIIVEGPVPITIEVKDINDNRPTFLQSKYEGSVRQNSRPGKPFLYVNATDLDDPATPNGQLYYQIVIQLPMINNVMYFQ
INNKTGAISLTREGSQELNPAKNPSYNLVISVKDMGGQSENSFSDTTSVDIIVTENIWKALEHHHHHH
;
_entity_poly.pdbx_strand_id   B,A
#
loop_
_chem_comp.id
_chem_comp.type
_chem_comp.name
_chem_comp.formula
CA non-polymer 'CALCIUM ION' 'Ca 2'
#
# COMPACT_ATOMS: atom_id res chain seq x y z
N PHE A 6 24.75 26.71 -9.16
CA PHE A 6 25.09 26.43 -7.73
C PHE A 6 25.55 27.70 -7.00
N SER A 7 25.42 28.88 -7.61
CA SER A 7 25.70 30.20 -6.98
C SER A 7 24.73 31.26 -7.52
N GLY A 8 24.64 32.42 -6.85
CA GLY A 8 23.61 33.44 -7.10
C GLY A 8 23.49 34.44 -5.97
N PRO A 9 22.69 35.52 -6.16
CA PRO A 9 22.44 36.53 -5.14
C PRO A 9 21.88 36.00 -3.81
N LEU A 10 22.07 36.79 -2.73
CA LEU A 10 21.38 36.63 -1.42
C LEU A 10 19.89 36.98 -1.57
N LYS A 11 19.02 36.03 -1.26
CA LYS A 11 17.54 36.20 -1.29
C LYS A 11 16.91 34.96 -0.66
N PRO A 12 15.65 35.04 -0.20
CA PRO A 12 14.92 33.86 0.23
C PRO A 12 15.06 32.70 -0.78
N MET A 13 15.45 31.53 -0.28
CA MET A 13 15.60 30.29 -1.09
C MET A 13 15.14 29.10 -0.24
N THR A 14 14.70 28.03 -0.91
CA THR A 14 14.31 26.75 -0.30
C THR A 14 15.07 25.62 -1.00
N PHE A 15 15.77 24.77 -0.24
CA PHE A 15 16.49 23.59 -0.75
C PHE A 15 15.89 22.32 -0.14
N SER A 16 15.65 21.29 -0.96
CA SER A 16 15.05 20.01 -0.52
C SER A 16 16.14 18.92 -0.52
N ILE A 17 16.42 18.36 0.64
CA ILE A 17 17.50 17.37 0.84
C ILE A 17 16.89 16.12 1.49
N TYR A 18 17.08 14.96 0.88
CA TYR A 18 16.65 13.66 1.45
C TYR A 18 17.41 13.41 2.75
N GLU A 19 16.69 13.08 3.82
CA GLU A 19 17.29 12.44 5.01
C GLU A 19 18.06 11.20 4.54
N GLY A 20 19.14 10.87 5.24
CA GLY A 20 19.90 9.62 5.07
C GLY A 20 20.93 9.73 3.99
N GLN A 21 21.04 10.89 3.34
CA GLN A 21 22.06 11.16 2.28
C GLN A 21 23.24 11.91 2.90
N GLU A 22 24.41 11.27 2.95
CA GLU A 22 25.65 11.93 3.40
C GLU A 22 25.98 13.00 2.37
N PRO A 23 26.47 14.17 2.82
CA PRO A 23 26.82 15.24 1.88
C PRO A 23 27.96 14.81 0.94
N SER A 24 27.89 15.29 -0.30
CA SER A 24 28.89 15.02 -1.36
C SER A 24 29.26 16.33 -2.04
N GLN A 25 28.35 17.31 -2.06
CA GLN A 25 28.64 18.66 -2.65
C GLN A 25 28.04 19.76 -1.76
N ILE A 26 28.56 20.97 -1.90
CA ILE A 26 27.97 22.15 -1.21
C ILE A 26 26.53 22.31 -1.71
N ILE A 27 25.72 22.99 -0.90
CA ILE A 27 24.28 23.24 -1.19
C ILE A 27 24.20 24.38 -2.18
N PHE A 28 25.01 25.41 -1.97
CA PHE A 28 24.89 26.72 -2.67
C PHE A 28 26.07 27.61 -2.31
N GLN A 29 26.44 28.50 -3.23
CA GLN A 29 27.31 29.64 -2.95
C GLN A 29 26.56 30.96 -3.13
N PHE A 30 26.48 31.74 -2.05
CA PHE A 30 25.98 33.15 -2.08
C PHE A 30 27.13 34.07 -2.50
N LYS A 31 26.87 34.93 -3.50
CA LYS A 31 27.72 36.08 -3.92
C LYS A 31 27.02 37.38 -3.52
N ALA A 32 27.75 38.34 -2.94
CA ALA A 32 27.26 39.69 -2.57
C ALA A 32 28.36 40.74 -2.83
N ASN A 33 28.10 41.73 -3.68
CA ASN A 33 29.10 42.71 -4.17
C ASN A 33 29.62 43.55 -3.01
N PRO A 34 30.83 44.16 -3.13
CA PRO A 34 31.28 45.10 -2.11
C PRO A 34 30.20 46.15 -1.92
N PRO A 35 29.78 46.45 -0.66
CA PRO A 35 30.61 46.18 0.51
C PRO A 35 30.38 44.85 1.26
N ALA A 36 29.88 43.78 0.59
CA ALA A 36 29.69 42.44 1.20
C ALA A 36 31.07 41.78 1.34
N VAL A 37 31.60 41.76 2.58
CA VAL A 37 32.86 41.05 2.98
C VAL A 37 32.57 39.55 3.21
N THR A 38 31.90 39.22 4.31
CA THR A 38 31.78 37.84 4.84
C THR A 38 30.29 37.48 4.89
N PHE A 39 29.95 36.24 5.25
CA PHE A 39 28.54 35.81 5.45
C PHE A 39 28.38 35.17 6.83
N GLU A 40 27.19 35.34 7.40
CA GLU A 40 26.82 34.72 8.69
C GLU A 40 25.54 33.89 8.52
N LEU A 41 25.55 32.69 9.10
CA LEU A 41 24.40 31.75 9.07
C LEU A 41 23.84 31.61 10.49
N THR A 42 22.54 31.81 10.63
CA THR A 42 21.81 31.70 11.93
C THR A 42 20.65 30.73 11.75
N GLY A 43 19.91 30.47 12.83
CA GLY A 43 18.66 29.70 12.81
C GLY A 43 18.90 28.27 13.28
N GLU A 44 18.27 27.30 12.61
CA GLU A 44 18.30 25.86 13.04
C GLU A 44 19.45 25.12 12.34
N THR A 45 20.67 25.53 12.63
CA THR A 45 21.93 25.02 12.03
C THR A 45 22.26 23.66 12.64
N ASP A 46 22.00 23.50 13.94
CA ASP A 46 22.13 22.20 14.67
C ASP A 46 23.56 21.61 14.54
N ASN A 47 24.58 22.46 14.30
CA ASN A 47 25.99 22.04 14.05
C ASN A 47 26.08 21.14 12.81
N ILE A 48 25.11 21.25 11.90
CA ILE A 48 25.06 20.51 10.60
C ILE A 48 25.31 21.49 9.46
N PHE A 49 24.49 22.53 9.40
CA PHE A 49 24.54 23.57 8.33
C PHE A 49 25.55 24.64 8.70
N VAL A 50 26.41 24.96 7.73
CA VAL A 50 27.59 25.86 7.87
C VAL A 50 27.62 26.78 6.66
N ILE A 51 27.99 28.04 6.85
CA ILE A 51 28.39 28.91 5.73
C ILE A 51 29.81 29.42 5.96
N GLU A 52 30.64 29.35 4.92
CA GLU A 52 32.04 29.84 4.92
C GLU A 52 32.04 31.35 4.66
N ARG A 53 33.20 31.96 4.82
CA ARG A 53 33.45 33.38 4.49
C ARG A 53 33.12 33.64 3.01
N GLU A 54 33.39 32.67 2.14
CA GLU A 54 33.21 32.83 0.66
C GLU A 54 31.73 32.68 0.28
N GLY A 55 30.83 32.49 1.25
CA GLY A 55 29.38 32.35 0.98
C GLY A 55 28.97 30.93 0.59
N LEU A 56 29.85 29.94 0.82
CA LEU A 56 29.59 28.50 0.51
C LEU A 56 28.71 27.92 1.62
N LEU A 57 27.48 27.54 1.29
CA LEU A 57 26.52 26.90 2.23
C LEU A 57 26.55 25.38 2.02
N TYR A 58 26.72 24.64 3.11
CA TYR A 58 26.78 23.16 3.06
C TYR A 58 26.25 22.57 4.35
N TYR A 59 25.96 21.27 4.31
CA TYR A 59 25.57 20.45 5.48
C TYR A 59 26.63 19.36 5.65
N ASN A 60 26.97 19.01 6.90
CA ASN A 60 28.22 18.25 7.22
C ASN A 60 27.91 16.80 7.60
N ARG A 61 26.65 16.38 7.53
CA ARG A 61 26.22 15.02 7.92
C ARG A 61 24.81 14.78 7.39
N ALA A 62 24.46 13.52 7.17
CA ALA A 62 23.11 13.07 6.75
C ALA A 62 22.09 13.55 7.78
N LEU A 63 21.05 14.22 7.26
CA LEU A 63 19.88 14.73 8.02
C LEU A 63 18.97 13.56 8.44
N ASP A 64 18.05 13.83 9.35
CA ASP A 64 17.03 12.87 9.82
C ASP A 64 15.69 13.61 9.98
N ARG A 65 14.74 13.37 9.08
CA ARG A 65 13.46 14.13 9.05
C ARG A 65 12.79 13.97 10.41
N GLU A 66 13.11 12.90 11.14
CA GLU A 66 12.37 12.52 12.39
C GLU A 66 13.06 13.13 13.60
N THR A 67 14.22 13.77 13.41
CA THR A 67 14.83 14.70 14.41
C THR A 67 14.34 16.13 14.11
N ARG A 68 14.44 16.56 12.85
CA ARG A 68 13.95 17.87 12.36
C ARG A 68 13.59 17.75 10.88
N SER A 69 12.39 18.20 10.51
CA SER A 69 11.76 17.98 9.18
C SER A 69 11.89 19.23 8.31
N THR A 70 12.19 20.38 8.92
CA THR A 70 12.57 21.63 8.22
C THR A 70 13.64 22.35 9.05
N HIS A 71 14.73 22.79 8.43
CA HIS A 71 15.72 23.68 9.09
C HIS A 71 15.50 25.11 8.61
N ASN A 72 14.94 25.95 9.47
CA ASN A 72 14.72 27.40 9.24
C ASN A 72 16.02 28.16 9.53
N LEU A 73 16.76 28.49 8.49
CA LEU A 73 18.05 29.21 8.57
C LEU A 73 17.82 30.68 8.21
N GLN A 74 18.79 31.53 8.54
CA GLN A 74 18.92 32.88 7.97
C GLN A 74 20.39 33.11 7.55
N VAL A 75 20.56 33.67 6.36
CA VAL A 75 21.88 34.09 5.80
C VAL A 75 21.88 35.62 5.71
N ALA A 76 22.92 36.24 6.27
CA ALA A 76 23.22 37.69 6.15
C ALA A 76 24.65 37.86 5.61
N ALA A 77 24.83 38.84 4.71
CA ALA A 77 26.14 39.40 4.28
C ALA A 77 26.59 40.49 5.26
N LEU A 78 27.80 40.36 5.79
CA LEU A 78 28.46 41.34 6.70
C LEU A 78 29.58 42.10 5.97
N ASP A 79 29.97 43.23 6.59
CA ASP A 79 31.11 44.10 6.21
C ASP A 79 32.21 43.94 7.26
N ALA A 80 33.24 44.78 7.18
CA ALA A 80 34.51 44.64 7.92
C ALA A 80 34.25 44.64 9.44
N ASN A 81 33.29 45.45 9.90
CA ASN A 81 33.07 45.74 11.35
C ASN A 81 32.12 44.69 11.95
N GLY A 82 31.82 43.63 11.19
CA GLY A 82 30.90 42.56 11.60
C GLY A 82 29.45 43.02 11.56
N ILE A 83 29.15 44.06 10.77
CA ILE A 83 27.87 44.82 10.81
C ILE A 83 27.04 44.49 9.56
N ILE A 84 25.78 44.09 9.76
CA ILE A 84 24.94 43.49 8.68
C ILE A 84 24.72 44.52 7.60
N VAL A 85 24.82 44.08 6.33
CA VAL A 85 24.84 44.95 5.11
C VAL A 85 23.62 44.61 4.26
N GLU A 86 23.17 43.36 4.36
CA GLU A 86 22.31 42.67 3.35
C GLU A 86 21.74 41.43 4.03
N GLY A 87 20.46 41.11 3.80
CA GLY A 87 19.71 40.15 4.66
C GLY A 87 19.51 40.70 6.06
N PRO A 88 19.44 39.87 7.14
CA PRO A 88 19.35 38.42 7.02
C PRO A 88 18.14 38.00 6.20
N VAL A 89 18.31 37.01 5.32
CA VAL A 89 17.21 36.40 4.52
C VAL A 89 16.95 34.98 5.04
N PRO A 90 15.70 34.49 4.90
CA PRO A 90 15.35 33.12 5.27
C PRO A 90 15.82 32.10 4.23
N ILE A 91 16.58 31.11 4.67
CA ILE A 91 16.96 29.94 3.83
C ILE A 91 16.35 28.69 4.45
N THR A 92 15.37 28.14 3.76
CA THR A 92 14.57 26.99 4.22
C THR A 92 15.15 25.71 3.63
N ILE A 93 15.42 24.73 4.51
CA ILE A 93 15.84 23.36 4.14
C ILE A 93 14.68 22.39 4.43
N GLU A 94 14.07 21.83 3.39
CA GLU A 94 12.99 20.82 3.54
C GLU A 94 13.63 19.43 3.48
N VAL A 95 13.52 18.70 4.59
CA VAL A 95 14.19 17.38 4.81
C VAL A 95 13.26 16.28 4.29
N LYS A 96 13.51 15.84 3.06
CA LYS A 96 12.58 14.95 2.32
C LYS A 96 12.63 13.56 2.92
N ASP A 97 11.45 12.97 3.14
CA ASP A 97 11.27 11.75 3.95
C ASP A 97 11.74 10.54 3.14
N ILE A 98 12.39 9.60 3.81
CA ILE A 98 12.53 8.20 3.32
C ILE A 98 11.84 7.28 4.33
N ASN A 99 11.36 6.14 3.84
CA ASN A 99 10.74 5.09 4.67
C ASN A 99 11.80 4.44 5.55
N ASP A 100 12.08 5.02 6.71
CA ASP A 100 13.08 4.45 7.65
C ASP A 100 12.45 4.23 9.02
N ASN A 101 11.12 4.12 9.09
CA ASN A 101 10.45 3.74 10.36
C ASN A 101 9.35 2.71 10.09
N ARG A 102 9.37 1.63 10.86
CA ARG A 102 8.28 0.62 10.86
C ARG A 102 7.06 1.20 11.56
N PRO A 103 5.84 0.89 11.07
CA PRO A 103 4.61 1.13 11.82
C PRO A 103 4.49 0.17 13.01
N THR A 104 4.07 0.70 14.16
CA THR A 104 3.86 -0.06 15.42
C THR A 104 2.39 0.04 15.85
N PHE A 105 1.75 -1.08 16.16
CA PHE A 105 0.43 -1.11 16.81
C PHE A 105 0.50 -0.44 18.20
N LEU A 106 -0.53 0.29 18.58
CA LEU A 106 -0.57 1.00 19.89
C LEU A 106 -0.71 -0.04 21.04
N GLN A 107 -1.08 -1.27 20.71
CA GLN A 107 -1.23 -2.39 21.66
C GLN A 107 -0.80 -3.65 20.91
N SER A 108 -0.18 -4.60 21.61
CA SER A 108 0.22 -5.93 21.07
C SER A 108 -0.93 -6.90 21.29
N LYS A 109 -1.87 -6.53 22.16
CA LYS A 109 -3.06 -7.35 22.47
C LYS A 109 -4.23 -6.43 22.70
N TYR A 110 -5.32 -6.68 21.98
CA TYR A 110 -6.63 -6.01 22.11
C TYR A 110 -7.66 -7.02 22.63
N GLU A 111 -8.57 -6.55 23.48
CA GLU A 111 -9.69 -7.34 24.06
C GLU A 111 -10.99 -6.63 23.73
N GLY A 112 -11.80 -7.27 22.88
CA GLY A 112 -13.09 -6.75 22.40
C GLY A 112 -14.23 -7.66 22.77
N SER A 113 -15.45 -7.22 22.45
CA SER A 113 -16.68 -8.05 22.45
C SER A 113 -17.63 -7.49 21.41
N VAL A 114 -18.50 -8.33 20.87
CA VAL A 114 -19.52 -7.94 19.88
C VAL A 114 -20.79 -8.70 20.24
N ARG A 115 -21.93 -8.06 20.02
CA ARG A 115 -23.25 -8.70 20.21
C ARG A 115 -23.54 -9.57 19.00
N GLN A 116 -24.43 -10.53 19.23
CA GLN A 116 -24.71 -11.69 18.35
C GLN A 116 -25.24 -11.20 16.98
N ASN A 117 -26.14 -10.22 16.95
CA ASN A 117 -26.86 -9.86 15.70
C ASN A 117 -26.53 -8.42 15.33
N SER A 118 -25.47 -7.87 15.93
CA SER A 118 -24.79 -6.63 15.48
C SER A 118 -24.84 -6.51 13.95
N ARG A 119 -25.11 -5.29 13.46
CA ARG A 119 -25.21 -4.95 12.03
C ARG A 119 -23.87 -5.21 11.37
N PRO A 120 -23.86 -5.83 10.17
CA PRO A 120 -22.67 -5.85 9.34
C PRO A 120 -22.15 -4.44 9.11
N GLY A 121 -20.83 -4.25 9.17
CA GLY A 121 -20.15 -2.97 8.82
C GLY A 121 -20.09 -2.01 10.00
N LYS A 122 -20.82 -2.29 11.07
CA LYS A 122 -20.89 -1.37 12.25
C LYS A 122 -19.71 -1.65 13.19
N PRO A 123 -18.82 -0.66 13.43
CA PRO A 123 -17.63 -0.92 14.23
C PRO A 123 -17.98 -1.24 15.69
N PHE A 124 -17.25 -2.19 16.29
CA PHE A 124 -17.32 -2.49 17.74
C PHE A 124 -15.93 -2.42 18.38
N LEU A 125 -14.87 -2.20 17.57
CA LEU A 125 -13.49 -2.07 18.10
C LEU A 125 -12.60 -1.41 17.04
N TYR A 126 -11.59 -0.69 17.52
CA TYR A 126 -10.57 0.01 16.70
C TYR A 126 -9.19 -0.51 17.05
N VAL A 127 -8.43 -0.87 16.05
CA VAL A 127 -6.97 -1.06 16.16
C VAL A 127 -6.31 0.06 15.37
N ASN A 128 -5.20 0.52 15.92
CA ASN A 128 -4.46 1.69 15.42
C ASN A 128 -2.97 1.35 15.47
N ALA A 129 -2.23 1.91 14.53
CA ALA A 129 -0.76 1.92 14.56
C ALA A 129 -0.29 3.35 14.30
N THR A 130 0.97 3.58 14.64
CA THR A 130 1.70 4.84 14.50
C THR A 130 2.97 4.58 13.67
N ASP A 131 3.22 5.47 12.71
CA ASP A 131 4.41 5.47 11.83
C ASP A 131 5.05 6.84 11.92
N LEU A 132 6.35 6.88 12.23
CA LEU A 132 7.09 8.14 12.54
C LEU A 132 7.51 8.85 11.24
N ASP A 133 7.46 8.15 10.11
CA ASP A 133 7.68 8.73 8.77
C ASP A 133 6.55 9.72 8.42
N ASP A 134 6.64 10.35 7.26
CA ASP A 134 5.83 11.53 6.88
C ASP A 134 4.44 11.06 6.47
N PRO A 135 3.37 11.50 7.17
CA PRO A 135 2.01 11.05 6.87
C PRO A 135 1.47 11.57 5.52
N ALA A 136 2.07 12.63 4.97
CA ALA A 136 1.69 13.18 3.66
C ALA A 136 2.31 12.31 2.55
N THR A 137 3.14 11.31 2.91
CA THR A 137 3.82 10.40 1.93
C THR A 137 3.39 8.96 2.19
N PRO A 138 3.57 8.05 1.22
CA PRO A 138 3.30 6.63 1.46
C PRO A 138 4.11 6.11 2.65
N ASN A 139 5.30 6.65 2.87
CA ASN A 139 6.23 6.21 3.93
C ASN A 139 5.47 6.12 5.25
N GLY A 140 4.49 7.02 5.45
CA GLY A 140 3.72 7.16 6.71
C GLY A 140 2.25 6.85 6.51
N GLN A 141 1.86 6.25 5.39
CA GLN A 141 0.44 5.93 5.10
C GLN A 141 0.19 4.44 5.34
N LEU A 142 -0.71 4.13 6.26
CA LEU A 142 -0.85 2.76 6.83
C LEU A 142 -2.05 2.06 6.22
N TYR A 143 -1.98 0.75 6.08
CA TYR A 143 -3.04 -0.10 5.49
C TYR A 143 -3.28 -1.33 6.37
N TYR A 144 -4.49 -1.49 6.87
CA TYR A 144 -4.79 -2.51 7.91
C TYR A 144 -5.48 -3.70 7.23
N GLN A 145 -5.09 -4.91 7.63
CA GLN A 145 -5.59 -6.17 7.06
C GLN A 145 -5.79 -7.17 8.17
N ILE A 146 -6.90 -7.88 8.15
CA ILE A 146 -7.03 -9.12 8.97
C ILE A 146 -6.23 -10.20 8.24
N VAL A 147 -5.23 -10.80 8.86
CA VAL A 147 -4.48 -11.90 8.18
C VAL A 147 -5.00 -13.26 8.63
N ILE A 148 -5.50 -13.37 9.85
CA ILE A 148 -6.00 -14.67 10.37
C ILE A 148 -7.29 -14.43 11.14
N GLN A 149 -8.30 -15.28 10.94
CA GLN A 149 -9.44 -15.48 11.89
C GLN A 149 -9.47 -16.93 12.37
N LEU A 150 -9.40 -17.13 13.69
CA LEU A 150 -9.44 -18.46 14.37
C LEU A 150 -10.54 -18.42 15.42
N PRO A 151 -11.46 -19.41 15.42
CA PRO A 151 -11.60 -20.36 14.31
C PRO A 151 -12.24 -19.73 13.06
N MET A 152 -12.11 -20.39 11.91
CA MET A 152 -12.78 -19.99 10.65
C MET A 152 -13.41 -21.23 10.02
N ILE A 153 -14.68 -21.13 9.63
CA ILE A 153 -15.48 -22.25 9.09
C ILE A 153 -15.60 -22.03 7.59
N ASN A 154 -15.07 -22.97 6.80
CA ASN A 154 -15.28 -23.06 5.33
CA ASN A 154 -15.32 -23.03 5.35
C ASN A 154 -14.86 -21.73 4.69
N ASN A 155 -13.83 -21.09 5.27
CA ASN A 155 -13.16 -19.91 4.68
C ASN A 155 -14.06 -18.67 4.75
N VAL A 156 -15.20 -18.74 5.44
CA VAL A 156 -16.11 -17.57 5.63
C VAL A 156 -15.49 -16.64 6.68
N MET A 157 -15.23 -15.40 6.29
N MET A 157 -15.23 -15.40 6.28
CA MET A 157 -14.79 -14.31 7.19
CA MET A 157 -14.80 -14.29 7.15
C MET A 157 -16.00 -13.76 7.95
C MET A 157 -16.00 -13.76 7.94
N TYR A 158 -15.95 -13.81 9.27
CA TYR A 158 -17.03 -13.27 10.15
C TYR A 158 -16.78 -11.77 10.44
N PHE A 159 -15.56 -11.30 10.21
CA PHE A 159 -15.06 -9.98 10.63
C PHE A 159 -14.33 -9.32 9.46
N GLN A 160 -14.39 -8.00 9.41
CA GLN A 160 -13.71 -7.19 8.37
C GLN A 160 -13.15 -5.98 9.07
N ILE A 161 -12.16 -5.37 8.46
CA ILE A 161 -11.48 -4.18 9.02
C ILE A 161 -11.45 -3.11 7.93
N ASN A 162 -11.74 -1.87 8.30
CA ASN A 162 -11.55 -0.69 7.42
C ASN A 162 -10.05 -0.49 7.19
N ASN A 163 -9.57 -0.65 5.96
CA ASN A 163 -8.11 -0.73 5.66
C ASN A 163 -7.41 0.59 6.01
N LYS A 164 -8.14 1.70 6.06
CA LYS A 164 -7.59 3.05 6.38
C LYS A 164 -7.67 3.31 7.88
N THR A 165 -8.81 3.02 8.52
CA THR A 165 -9.16 3.56 9.87
C THR A 165 -8.85 2.54 10.98
N GLY A 166 -8.75 1.25 10.65
CA GLY A 166 -8.57 0.17 11.65
C GLY A 166 -9.86 -0.19 12.37
N ALA A 167 -11.01 0.11 11.77
CA ALA A 167 -12.34 -0.14 12.38
C ALA A 167 -12.77 -1.57 12.08
N ILE A 168 -12.91 -2.39 13.12
CA ILE A 168 -13.31 -3.81 13.01
C ILE A 168 -14.81 -3.96 13.28
N SER A 169 -15.50 -4.63 12.36
CA SER A 169 -16.97 -4.82 12.32
C SER A 169 -17.26 -6.23 11.81
N LEU A 170 -18.47 -6.72 12.04
CA LEU A 170 -18.92 -8.02 11.48
C LEU A 170 -19.02 -7.88 9.96
N THR A 171 -18.80 -8.96 9.22
CA THR A 171 -19.34 -9.13 7.85
C THR A 171 -20.84 -9.48 7.93
N ARG A 172 -21.50 -9.39 6.78
CA ARG A 172 -22.81 -10.02 6.48
C ARG A 172 -22.90 -11.39 7.17
N GLU A 173 -21.93 -12.26 6.91
CA GLU A 173 -21.96 -13.70 7.30
C GLU A 173 -21.78 -13.76 8.82
N GLY A 174 -20.87 -12.95 9.37
CA GLY A 174 -20.60 -12.91 10.82
C GLY A 174 -21.83 -12.48 11.60
N SER A 175 -22.50 -11.45 11.13
CA SER A 175 -23.81 -10.99 11.65
C SER A 175 -24.77 -12.18 11.71
N GLN A 176 -24.79 -13.00 10.66
CA GLN A 176 -25.77 -14.12 10.49
C GLN A 176 -25.37 -15.30 11.38
N GLU A 177 -24.07 -15.54 11.62
CA GLU A 177 -23.56 -16.85 12.09
C GLU A 177 -23.09 -16.77 13.54
N LEU A 178 -22.64 -15.62 14.02
CA LEU A 178 -22.06 -15.54 15.39
C LEU A 178 -23.13 -15.96 16.38
N ASN A 179 -22.79 -16.92 17.22
CA ASN A 179 -23.70 -17.64 18.14
C ASN A 179 -22.87 -18.11 19.31
N PRO A 180 -22.93 -17.40 20.45
CA PRO A 180 -21.99 -17.62 21.54
C PRO A 180 -22.01 -19.07 22.05
N ALA A 181 -23.15 -19.76 21.91
CA ALA A 181 -23.33 -21.19 22.28
C ALA A 181 -22.44 -22.07 21.39
N LYS A 182 -22.39 -21.77 20.08
CA LYS A 182 -21.57 -22.51 19.10
C LYS A 182 -20.08 -22.20 19.33
N ASN A 183 -19.76 -20.92 19.44
CA ASN A 183 -18.35 -20.47 19.61
C ASN A 183 -18.32 -19.11 20.30
N PRO A 184 -17.85 -19.06 21.56
CA PRO A 184 -17.96 -17.83 22.34
C PRO A 184 -16.88 -16.79 22.00
N SER A 185 -15.85 -17.17 21.23
CA SER A 185 -14.70 -16.25 21.01
C SER A 185 -13.95 -16.55 19.70
N TYR A 186 -13.37 -15.47 19.18
CA TYR A 186 -12.55 -15.42 17.95
C TYR A 186 -11.27 -14.63 18.26
N ASN A 187 -10.18 -15.05 17.61
CA ASN A 187 -8.87 -14.36 17.59
C ASN A 187 -8.64 -13.86 16.19
N LEU A 188 -8.36 -12.57 16.05
CA LEU A 188 -7.92 -12.00 14.76
C LEU A 188 -6.46 -11.68 14.89
N VAL A 189 -5.68 -11.95 13.85
CA VAL A 189 -4.36 -11.33 13.70
C VAL A 189 -4.43 -10.29 12.59
N ILE A 190 -4.16 -9.07 12.99
CA ILE A 190 -4.17 -7.88 12.11
C ILE A 190 -2.74 -7.53 11.74
N SER A 191 -2.52 -7.24 10.47
CA SER A 191 -1.28 -6.60 9.99
C SER A 191 -1.57 -5.12 9.81
N VAL A 192 -0.50 -4.33 9.85
CA VAL A 192 -0.48 -2.98 9.24
C VAL A 192 0.76 -2.88 8.35
N LYS A 193 0.59 -2.28 7.18
CA LYS A 193 1.72 -1.93 6.30
C LYS A 193 1.75 -0.43 6.08
N ASP A 194 2.95 0.11 5.89
CA ASP A 194 3.16 1.47 5.36
C ASP A 194 3.28 1.33 3.83
N MET A 195 3.59 2.42 3.14
CA MET A 195 3.52 2.54 1.66
C MET A 195 2.08 2.29 1.21
N GLY A 196 1.13 2.54 2.11
CA GLY A 196 -0.31 2.40 1.84
C GLY A 196 -0.71 0.95 1.57
N GLY A 197 0.09 -0.01 2.01
CA GLY A 197 -0.17 -1.46 1.85
C GLY A 197 0.14 -1.92 0.43
N GLN A 198 0.70 -1.02 -0.36
CA GLN A 198 0.77 -1.13 -1.84
C GLN A 198 2.09 -1.80 -2.24
N SER A 199 3.08 -1.81 -1.38
CA SER A 199 4.36 -2.42 -1.75
C SER A 199 4.63 -3.61 -0.87
N GLU A 200 5.15 -4.63 -1.53
CA GLU A 200 6.34 -5.37 -1.08
C GLU A 200 7.33 -4.46 -0.35
N ASN A 201 7.92 -3.44 -1.01
CA ASN A 201 9.04 -2.65 -0.40
C ASN A 201 8.50 -1.73 0.72
N SER A 202 8.05 -2.34 1.82
CA SER A 202 7.34 -1.67 2.95
C SER A 202 7.75 -2.32 4.28
N PHE A 203 7.29 -1.75 5.37
CA PHE A 203 7.50 -2.26 6.75
C PHE A 203 6.12 -2.68 7.28
N SER A 204 6.07 -3.63 8.19
CA SER A 204 4.77 -4.09 8.72
C SER A 204 4.92 -4.49 10.18
N ASP A 205 3.80 -4.43 10.87
CA ASP A 205 3.62 -4.90 12.27
C ASP A 205 2.40 -5.82 12.29
N THR A 206 2.22 -6.58 13.36
CA THR A 206 0.99 -7.37 13.60
C THR A 206 0.51 -7.11 15.02
N THR A 207 -0.78 -7.30 15.27
CA THR A 207 -1.31 -7.41 16.64
C THR A 207 -2.33 -8.56 16.70
N SER A 208 -2.64 -8.98 17.90
CA SER A 208 -3.69 -9.98 18.21
C SER A 208 -4.90 -9.27 18.82
N VAL A 209 -6.09 -9.62 18.33
CA VAL A 209 -7.42 -9.19 18.88
C VAL A 209 -8.19 -10.43 19.33
N ASP A 210 -8.49 -10.53 20.63
CA ASP A 210 -9.48 -11.52 21.12
C ASP A 210 -10.84 -10.83 21.25
N ILE A 211 -11.89 -11.51 20.77
CA ILE A 211 -13.28 -11.00 20.67
C ILE A 211 -14.23 -12.03 21.27
N ILE A 212 -14.96 -11.63 22.32
CA ILE A 212 -16.04 -12.44 22.95
C ILE A 212 -17.36 -12.09 22.26
N VAL A 213 -18.16 -13.08 21.89
CA VAL A 213 -19.53 -12.88 21.32
C VAL A 213 -20.52 -12.91 22.49
N THR A 214 -21.32 -11.85 22.67
CA THR A 214 -22.32 -11.76 23.79
C THR A 214 -23.75 -11.92 23.26
N PRO B 12 17.11 13.95 -12.12
CA PRO B 12 16.59 12.58 -12.09
C PRO B 12 15.66 12.38 -10.89
N MET B 13 14.36 12.20 -11.15
CA MET B 13 13.32 12.15 -10.09
C MET B 13 12.28 11.09 -10.45
N THR B 14 11.67 10.51 -9.42
CA THR B 14 10.53 9.57 -9.52
C THR B 14 9.30 10.21 -8.90
N PHE B 15 8.16 10.06 -9.55
CA PHE B 15 6.83 10.47 -9.07
C PHE B 15 5.87 9.28 -9.20
N SER B 16 5.15 9.01 -8.12
CA SER B 16 4.18 7.89 -7.99
C SER B 16 2.78 8.47 -7.99
N ILE B 17 2.06 8.25 -9.08
CA ILE B 17 0.71 8.81 -9.33
C ILE B 17 -0.27 7.65 -9.49
N TYR B 18 -1.31 7.60 -8.67
CA TYR B 18 -2.42 6.64 -8.80
C TYR B 18 -3.08 6.79 -10.18
N GLU B 19 -3.46 5.66 -10.76
CA GLU B 19 -4.30 5.57 -11.97
C GLU B 19 -5.75 5.90 -11.58
N GLY B 20 -6.59 6.21 -12.56
CA GLY B 20 -8.03 6.47 -12.39
C GLY B 20 -8.34 7.73 -11.58
N GLN B 21 -7.36 8.62 -11.31
CA GLN B 21 -7.59 9.98 -10.72
C GLN B 21 -7.46 11.04 -11.81
N GLU B 22 -8.45 11.92 -11.88
CA GLU B 22 -8.35 13.21 -12.62
C GLU B 22 -7.30 14.06 -11.92
N PRO B 23 -6.36 14.68 -12.66
CA PRO B 23 -5.35 15.51 -12.02
C PRO B 23 -6.00 16.52 -11.06
N SER B 24 -5.53 16.51 -9.82
CA SER B 24 -5.88 17.50 -8.77
C SER B 24 -4.64 18.28 -8.34
N GLN B 25 -3.46 17.92 -8.79
CA GLN B 25 -2.25 18.71 -8.49
C GLN B 25 -1.20 18.55 -9.56
N ILE B 26 -0.28 19.50 -9.62
CA ILE B 26 0.84 19.49 -10.59
C ILE B 26 1.78 18.40 -10.11
N ILE B 27 2.61 17.86 -10.98
CA ILE B 27 3.61 16.84 -10.60
C ILE B 27 4.79 17.55 -9.96
N PHE B 28 5.26 18.62 -10.59
CA PHE B 28 6.51 19.31 -10.19
C PHE B 28 6.71 20.59 -11.00
N GLN B 29 7.28 21.60 -10.34
CA GLN B 29 7.74 22.88 -10.93
C GLN B 29 9.27 22.88 -10.96
N PHE B 30 9.88 22.72 -12.13
CA PHE B 30 11.35 22.83 -12.33
C PHE B 30 11.74 24.31 -12.46
N LYS B 31 12.87 24.70 -11.86
CA LYS B 31 13.43 26.09 -11.91
C LYS B 31 14.76 26.09 -12.70
N ALA B 32 14.91 26.91 -13.77
CA ALA B 32 15.87 26.75 -14.89
C ALA B 32 17.13 27.59 -14.68
N THR B 38 13.78 27.78 -20.09
CA THR B 38 12.88 26.98 -20.97
C THR B 38 13.13 25.48 -20.79
N PHE B 39 12.06 24.68 -20.83
CA PHE B 39 12.12 23.22 -20.61
C PHE B 39 11.40 22.50 -21.75
N GLU B 40 12.01 21.41 -22.22
CA GLU B 40 11.36 20.45 -23.14
C GLU B 40 11.15 19.13 -22.41
N LEU B 41 9.99 18.51 -22.66
CA LEU B 41 9.62 17.16 -22.21
C LEU B 41 9.61 16.23 -23.41
N THR B 42 10.27 15.08 -23.29
CA THR B 42 10.23 13.97 -24.27
C THR B 42 9.97 12.67 -23.51
N GLY B 43 9.90 11.55 -24.24
CA GLY B 43 9.73 10.20 -23.68
C GLY B 43 8.29 9.73 -23.81
N GLU B 44 7.81 8.95 -22.84
CA GLU B 44 6.48 8.28 -22.91
C GLU B 44 5.41 9.24 -22.34
N THR B 45 5.17 10.36 -23.02
CA THR B 45 4.22 11.43 -22.60
C THR B 45 2.79 11.02 -22.92
N ASP B 46 2.59 10.28 -24.02
CA ASP B 46 1.27 9.71 -24.44
C ASP B 46 0.21 10.82 -24.50
N ASN B 47 0.59 12.06 -24.84
CA ASN B 47 -0.32 13.25 -24.89
C ASN B 47 -1.13 13.35 -23.60
N ILE B 48 -0.50 13.02 -22.47
CA ILE B 48 -1.09 13.16 -21.11
C ILE B 48 -0.17 14.08 -20.28
N PHE B 49 1.13 13.78 -20.30
CA PHE B 49 2.16 14.54 -19.57
C PHE B 49 2.59 15.74 -20.41
N VAL B 50 2.70 16.90 -19.74
CA VAL B 50 3.03 18.21 -20.36
C VAL B 50 3.96 18.95 -19.42
N ILE B 51 4.93 19.65 -19.97
CA ILE B 51 5.71 20.67 -19.23
C ILE B 51 5.52 22.01 -19.92
N GLU B 52 5.05 22.98 -19.13
CA GLU B 52 5.06 24.41 -19.49
C GLU B 52 6.46 24.86 -19.82
N ARG B 53 6.53 25.97 -20.54
CA ARG B 53 7.75 26.55 -21.12
C ARG B 53 8.72 26.85 -19.99
N GLU B 54 8.20 27.07 -18.79
CA GLU B 54 9.00 27.49 -17.60
C GLU B 54 8.99 26.40 -16.52
N GLY B 55 8.65 25.17 -16.88
CA GLY B 55 9.09 23.96 -16.13
C GLY B 55 8.01 23.41 -15.21
N LEU B 56 6.79 23.96 -15.26
CA LEU B 56 5.61 23.39 -14.57
C LEU B 56 5.18 22.07 -15.26
N LEU B 57 5.50 20.92 -14.63
CA LEU B 57 5.19 19.57 -15.17
C LEU B 57 3.90 19.06 -14.53
N TYR B 58 3.02 18.49 -15.34
CA TYR B 58 1.64 18.10 -14.96
C TYR B 58 1.06 17.10 -15.97
N TYR B 59 -0.03 16.45 -15.58
CA TYR B 59 -0.73 15.43 -16.41
C TYR B 59 -2.18 15.87 -16.56
N ASN B 60 -2.79 15.63 -17.73
CA ASN B 60 -4.01 16.35 -18.16
C ASN B 60 -5.24 15.43 -18.09
N ARG B 61 -5.06 14.14 -17.77
CA ARG B 61 -6.19 13.21 -17.45
C ARG B 61 -5.68 11.93 -16.79
N ALA B 62 -6.63 11.10 -16.37
CA ALA B 62 -6.40 9.91 -15.51
C ALA B 62 -5.49 8.92 -16.24
N LEU B 63 -4.47 8.44 -15.54
CA LEU B 63 -3.54 7.38 -15.99
C LEU B 63 -4.26 6.03 -15.97
N ASP B 64 -3.66 5.01 -16.56
CA ASP B 64 -4.20 3.64 -16.50
C ASP B 64 -3.03 2.67 -16.40
N ARG B 65 -2.79 2.12 -15.20
CA ARG B 65 -1.65 1.20 -14.94
C ARG B 65 -1.71 0.04 -15.96
N GLU B 66 -2.91 -0.38 -16.34
CA GLU B 66 -3.09 -1.58 -17.20
C GLU B 66 -2.84 -1.22 -18.67
N THR B 67 -2.67 0.07 -19.01
CA THR B 67 -2.21 0.49 -20.37
C THR B 67 -0.70 0.76 -20.31
N ARG B 68 -0.24 1.44 -19.25
CA ARG B 68 1.19 1.76 -19.04
C ARG B 68 1.44 1.98 -17.54
N SER B 69 2.31 1.15 -16.94
CA SER B 69 2.56 1.09 -15.49
C SER B 69 3.69 2.06 -15.08
N THR B 70 4.67 2.25 -15.96
CA THR B 70 5.71 3.31 -15.84
C THR B 70 5.70 4.20 -17.10
N HIS B 71 5.71 5.52 -16.91
CA HIS B 71 5.99 6.52 -17.97
C HIS B 71 7.44 7.01 -17.84
N ASN B 72 8.28 6.68 -18.81
CA ASN B 72 9.73 7.06 -18.83
C ASN B 72 9.87 8.37 -19.58
N LEU B 73 9.90 9.48 -18.84
CA LEU B 73 9.98 10.83 -19.43
C LEU B 73 11.41 11.34 -19.31
N GLN B 74 11.74 12.33 -20.14
CA GLN B 74 13.02 13.08 -20.08
C GLN B 74 12.70 14.56 -20.04
N VAL B 75 13.35 15.29 -19.14
CA VAL B 75 13.27 16.77 -19.08
C VAL B 75 14.65 17.35 -19.35
N ALA B 76 14.73 18.29 -20.30
CA ALA B 76 15.94 19.06 -20.66
C ALA B 76 15.66 20.55 -20.53
N ALA B 77 16.69 21.31 -20.16
CA ALA B 77 16.69 22.79 -20.04
C ALA B 77 17.46 23.39 -21.22
N LEU B 78 16.95 24.51 -21.76
CA LEU B 78 17.45 25.17 -23.01
C LEU B 78 17.76 26.65 -22.78
N VAL B 85 20.97 22.02 -23.04
CA VAL B 85 21.96 22.64 -22.11
C VAL B 85 22.13 21.78 -20.84
N GLU B 86 21.05 21.47 -20.11
CA GLU B 86 21.18 20.88 -18.76
C GLU B 86 20.81 19.38 -18.75
N GLY B 87 19.80 18.96 -19.50
CA GLY B 87 19.36 17.55 -19.50
C GLY B 87 20.01 16.77 -20.63
N PRO B 88 19.26 15.84 -21.26
CA PRO B 88 18.03 15.33 -20.65
C PRO B 88 18.30 14.48 -19.40
N VAL B 89 17.33 14.54 -18.48
CA VAL B 89 17.28 13.79 -17.21
C VAL B 89 16.10 12.84 -17.31
N PRO B 90 16.22 11.60 -16.80
CA PRO B 90 15.06 10.70 -16.69
C PRO B 90 14.12 11.13 -15.57
N ILE B 91 12.88 11.47 -15.92
CA ILE B 91 11.76 11.60 -14.94
C ILE B 91 10.89 10.35 -15.06
N THR B 92 10.88 9.51 -14.03
CA THR B 92 10.09 8.26 -13.96
C THR B 92 8.75 8.54 -13.29
N ILE B 93 7.65 8.24 -13.97
CA ILE B 93 6.28 8.19 -13.37
C ILE B 93 5.91 6.74 -13.09
N GLU B 94 5.86 6.38 -11.80
CA GLU B 94 5.32 5.07 -11.34
C GLU B 94 3.81 5.22 -11.21
N VAL B 95 3.08 4.49 -12.05
CA VAL B 95 1.60 4.53 -12.08
C VAL B 95 1.08 3.51 -11.07
N LYS B 96 0.54 4.01 -9.95
CA LYS B 96 0.12 3.17 -8.80
C LYS B 96 -1.26 2.59 -9.10
N ASP B 97 -1.45 1.31 -8.73
CA ASP B 97 -2.61 0.48 -9.12
C ASP B 97 -3.81 0.89 -8.28
N ILE B 98 -5.00 0.81 -8.86
CA ILE B 98 -6.29 0.80 -8.12
C ILE B 98 -7.04 -0.45 -8.55
N ASN B 99 -7.89 -0.97 -7.68
CA ASN B 99 -8.73 -2.16 -8.01
C ASN B 99 -9.75 -1.75 -9.08
N ASP B 100 -9.40 -1.86 -10.36
CA ASP B 100 -10.37 -1.60 -11.45
C ASP B 100 -10.41 -2.78 -12.42
N ASN B 101 -10.11 -4.00 -11.97
CA ASN B 101 -10.25 -5.20 -12.83
C ASN B 101 -10.80 -6.36 -12.00
N ARG B 102 -11.90 -6.94 -12.48
CA ARG B 102 -12.54 -8.11 -11.87
C ARG B 102 -11.64 -9.32 -12.09
N PRO B 103 -11.43 -10.18 -11.07
CA PRO B 103 -10.77 -11.47 -11.29
C PRO B 103 -11.63 -12.37 -12.17
N THR B 104 -11.01 -13.21 -13.00
CA THR B 104 -11.73 -14.18 -13.84
C THR B 104 -11.08 -15.56 -13.69
N PHE B 105 -11.92 -16.57 -13.59
CA PHE B 105 -11.51 -17.99 -13.64
C PHE B 105 -10.99 -18.29 -15.04
N LEU B 106 -10.09 -19.25 -15.15
CA LEU B 106 -9.50 -19.68 -16.45
C LEU B 106 -10.51 -20.57 -17.21
N GLN B 107 -11.48 -21.15 -16.51
CA GLN B 107 -12.59 -21.96 -17.10
C GLN B 107 -13.91 -21.53 -16.43
N SER B 108 -15.01 -21.51 -17.18
CA SER B 108 -16.38 -21.29 -16.63
C SER B 108 -16.95 -22.61 -16.12
N LYS B 109 -16.38 -23.72 -16.58
CA LYS B 109 -16.74 -25.07 -16.12
C LYS B 109 -15.45 -25.89 -15.91
N TYR B 110 -15.35 -26.59 -14.79
CA TYR B 110 -14.28 -27.57 -14.52
C TYR B 110 -14.92 -28.94 -14.33
N GLU B 111 -14.27 -29.96 -14.86
CA GLU B 111 -14.68 -31.36 -14.73
C GLU B 111 -13.58 -32.07 -13.95
N GLY B 112 -13.90 -32.44 -12.72
CA GLY B 112 -12.97 -33.13 -11.80
C GLY B 112 -13.32 -34.59 -11.60
N SER B 113 -12.39 -35.29 -10.96
CA SER B 113 -12.52 -36.70 -10.57
C SER B 113 -11.71 -36.91 -9.30
N VAL B 114 -12.29 -37.61 -8.33
CA VAL B 114 -11.58 -37.95 -7.06
C VAL B 114 -11.82 -39.44 -6.71
N ARG B 115 -10.77 -40.12 -6.23
CA ARG B 115 -10.87 -41.53 -5.78
C ARG B 115 -11.57 -41.56 -4.43
N GLN B 116 -12.55 -42.43 -4.25
CA GLN B 116 -13.10 -42.81 -2.94
C GLN B 116 -11.95 -43.04 -1.94
N ASN B 117 -12.04 -42.47 -0.74
CA ASN B 117 -11.07 -42.69 0.36
C ASN B 117 -9.75 -41.98 0.08
N SER B 118 -9.73 -41.05 -0.87
CA SER B 118 -8.54 -40.19 -1.11
C SER B 118 -8.20 -39.46 0.19
N ARG B 119 -6.90 -39.31 0.48
CA ARG B 119 -6.41 -38.67 1.72
C ARG B 119 -6.98 -37.26 1.82
N PRO B 120 -7.59 -36.93 2.98
CA PRO B 120 -8.06 -35.58 3.23
C PRO B 120 -6.92 -34.57 3.03
N GLY B 121 -7.24 -33.47 2.38
CA GLY B 121 -6.34 -32.33 2.16
C GLY B 121 -5.47 -32.53 0.93
N LYS B 122 -5.49 -33.71 0.31
CA LYS B 122 -4.67 -33.98 -0.90
C LYS B 122 -5.42 -33.49 -2.14
N PRO B 123 -4.96 -32.42 -2.82
CA PRO B 123 -5.71 -31.86 -3.95
C PRO B 123 -5.98 -32.97 -4.96
N PHE B 124 -7.11 -32.85 -5.68
CA PHE B 124 -7.39 -33.68 -6.87
C PHE B 124 -7.85 -32.80 -8.05
N LEU B 125 -7.90 -31.49 -7.82
CA LEU B 125 -8.35 -30.50 -8.82
C LEU B 125 -7.90 -29.10 -8.38
N TYR B 126 -7.51 -28.27 -9.34
CA TYR B 126 -7.19 -26.84 -9.14
C TYR B 126 -8.12 -26.02 -10.01
N VAL B 127 -8.72 -25.03 -9.38
CA VAL B 127 -9.36 -23.88 -10.08
C VAL B 127 -8.47 -22.67 -9.89
N ASN B 128 -8.39 -21.88 -10.94
CA ASN B 128 -7.46 -20.74 -11.02
C ASN B 128 -8.27 -19.56 -11.52
N ALA B 129 -7.90 -18.37 -11.07
CA ALA B 129 -8.36 -17.12 -11.66
C ALA B 129 -7.14 -16.26 -11.94
N THR B 130 -7.28 -15.31 -12.86
CA THR B 130 -6.28 -14.24 -13.08
C THR B 130 -6.96 -12.88 -12.81
N ASP B 131 -6.15 -11.88 -12.43
CA ASP B 131 -6.60 -10.48 -12.15
C ASP B 131 -5.60 -9.53 -12.86
N LEU B 132 -6.08 -8.64 -13.73
CA LEU B 132 -5.21 -7.72 -14.52
C LEU B 132 -4.60 -6.61 -13.63
N ASP B 133 -5.08 -6.46 -12.39
CA ASP B 133 -4.53 -5.48 -11.41
C ASP B 133 -3.23 -6.05 -10.85
N ASP B 134 -2.52 -5.25 -10.05
CA ASP B 134 -1.16 -5.52 -9.50
C ASP B 134 -1.24 -6.60 -8.44
N PRO B 135 -0.63 -7.79 -8.67
CA PRO B 135 -0.66 -8.88 -7.70
C PRO B 135 0.24 -8.64 -6.46
N ALA B 136 1.06 -7.59 -6.47
CA ALA B 136 1.82 -7.17 -5.26
C ALA B 136 0.94 -6.29 -4.35
N THR B 137 -0.32 -6.08 -4.70
CA THR B 137 -1.27 -5.27 -3.91
C THR B 137 -2.47 -6.14 -3.59
N PRO B 138 -3.36 -5.67 -2.71
CA PRO B 138 -4.63 -6.36 -2.48
C PRO B 138 -5.55 -6.37 -3.73
N ASN B 139 -5.31 -5.48 -4.69
CA ASN B 139 -6.13 -5.30 -5.93
C ASN B 139 -6.02 -6.57 -6.80
N GLY B 140 -4.92 -7.30 -6.64
CA GLY B 140 -4.58 -8.48 -7.45
C GLY B 140 -4.49 -9.73 -6.60
N GLN B 141 -4.96 -9.67 -5.36
CA GLN B 141 -4.75 -10.73 -4.35
C GLN B 141 -6.05 -11.51 -4.14
N LEU B 142 -6.07 -12.77 -4.59
CA LEU B 142 -7.31 -13.53 -4.83
C LEU B 142 -7.56 -14.48 -3.66
N TYR B 143 -8.83 -14.73 -3.38
CA TYR B 143 -9.32 -15.55 -2.26
C TYR B 143 -10.43 -16.46 -2.78
N TYR B 144 -10.17 -17.77 -2.74
CA TYR B 144 -11.09 -18.82 -3.25
C TYR B 144 -11.91 -19.41 -2.09
N GLN B 145 -13.18 -19.65 -2.39
CA GLN B 145 -14.18 -20.17 -1.44
C GLN B 145 -15.06 -21.15 -2.18
N ILE B 146 -15.55 -22.16 -1.47
CA ILE B 146 -16.69 -22.99 -1.91
C ILE B 146 -17.97 -22.28 -1.48
N VAL B 147 -18.74 -21.81 -2.46
CA VAL B 147 -20.06 -21.17 -2.22
C VAL B 147 -21.06 -22.25 -1.80
N ILE B 148 -21.10 -23.36 -2.52
CA ILE B 148 -22.11 -24.42 -2.26
C ILE B 148 -21.65 -25.75 -2.81
N GLN B 149 -21.81 -26.78 -1.99
CA GLN B 149 -21.65 -28.20 -2.38
C GLN B 149 -23.04 -28.83 -2.54
N LEU B 150 -23.30 -29.46 -3.69
CA LEU B 150 -24.55 -30.23 -3.98
C LEU B 150 -24.18 -31.61 -4.50
N PRO B 151 -24.85 -32.69 -4.01
CA PRO B 151 -25.71 -32.63 -2.84
C PRO B 151 -24.90 -32.42 -1.57
N MET B 152 -25.56 -32.00 -0.49
CA MET B 152 -24.94 -31.89 0.84
C MET B 152 -25.78 -32.67 1.85
N ILE B 153 -25.12 -33.36 2.76
CA ILE B 153 -25.79 -34.14 3.84
C ILE B 153 -25.52 -33.46 5.18
N ASN B 154 -26.59 -33.01 5.84
CA ASN B 154 -26.56 -32.66 7.28
C ASN B 154 -25.64 -31.44 7.45
N ASN B 155 -25.45 -30.68 6.37
CA ASN B 155 -24.65 -29.42 6.41
C ASN B 155 -23.16 -29.75 6.64
N VAL B 156 -22.70 -30.94 6.20
CA VAL B 156 -21.27 -31.35 6.31
C VAL B 156 -20.58 -31.20 4.93
N MET B 157 -19.48 -30.48 4.93
CA MET B 157 -18.59 -30.28 3.76
C MET B 157 -17.76 -31.54 3.54
N TYR B 158 -17.91 -32.15 2.38
CA TYR B 158 -17.10 -33.30 1.90
C TYR B 158 -15.83 -32.81 1.20
N PHE B 159 -15.85 -31.54 0.78
CA PHE B 159 -14.79 -30.88 -0.02
C PHE B 159 -14.31 -29.63 0.71
N GLN B 160 -13.03 -29.32 0.56
CA GLN B 160 -12.42 -28.05 1.00
C GLN B 160 -11.60 -27.45 -0.13
N ILE B 161 -11.38 -26.14 -0.08
CA ILE B 161 -10.52 -25.41 -1.03
C ILE B 161 -9.51 -24.57 -0.24
N ASN B 162 -8.28 -24.59 -0.71
CA ASN B 162 -7.20 -23.69 -0.26
C ASN B 162 -7.51 -22.27 -0.76
N ASN B 163 -7.78 -21.35 0.16
CA ASN B 163 -8.33 -20.02 -0.20
C ASN B 163 -7.27 -19.15 -0.87
N LYS B 164 -6.03 -19.64 -0.96
CA LYS B 164 -4.93 -18.91 -1.68
C LYS B 164 -4.70 -19.53 -3.07
N THR B 165 -4.72 -20.85 -3.21
CA THR B 165 -4.23 -21.57 -4.43
C THR B 165 -5.39 -22.09 -5.28
N GLY B 166 -6.58 -22.30 -4.71
CA GLY B 166 -7.71 -22.92 -5.43
C GLY B 166 -7.53 -24.43 -5.56
N ALA B 167 -6.69 -25.03 -4.73
CA ALA B 167 -6.56 -26.50 -4.63
C ALA B 167 -7.78 -27.05 -3.90
N ILE B 168 -8.54 -27.92 -4.55
CA ILE B 168 -9.73 -28.58 -3.97
C ILE B 168 -9.38 -30.01 -3.58
N SER B 169 -9.72 -30.36 -2.33
CA SER B 169 -9.38 -31.67 -1.73
C SER B 169 -10.57 -32.18 -0.92
N LEU B 170 -10.57 -33.45 -0.52
CA LEU B 170 -11.59 -33.93 0.44
C LEU B 170 -11.31 -33.35 1.83
N THR B 171 -12.39 -33.18 2.59
CA THR B 171 -12.37 -33.05 4.07
C THR B 171 -12.21 -34.43 4.68
N ARG B 172 -12.00 -34.51 5.99
CA ARG B 172 -11.93 -35.82 6.71
C ARG B 172 -13.27 -36.54 6.50
N GLU B 173 -14.35 -35.77 6.57
CA GLU B 173 -15.72 -36.31 6.42
C GLU B 173 -15.85 -36.88 5.01
N GLY B 174 -15.41 -36.12 4.00
CA GLY B 174 -15.51 -36.53 2.59
C GLY B 174 -14.78 -37.83 2.35
N SER B 175 -13.56 -37.95 2.86
CA SER B 175 -12.69 -39.14 2.71
C SER B 175 -13.42 -40.37 3.26
N GLN B 176 -14.17 -40.17 4.34
CA GLN B 176 -14.87 -41.23 5.09
C GLN B 176 -16.21 -41.56 4.42
N GLU B 177 -16.83 -40.62 3.71
CA GLU B 177 -18.25 -40.73 3.27
C GLU B 177 -18.36 -40.90 1.75
N LEU B 178 -17.57 -40.21 0.93
CA LEU B 178 -17.76 -40.31 -0.53
C LEU B 178 -17.85 -41.80 -0.88
N ASN B 179 -18.82 -42.15 -1.73
CA ASN B 179 -19.15 -43.56 -2.06
C ASN B 179 -19.91 -43.56 -3.38
N PRO B 180 -19.24 -43.92 -4.50
CA PRO B 180 -19.81 -43.75 -5.82
C PRO B 180 -21.10 -44.57 -6.01
N ALA B 181 -21.24 -45.68 -5.29
CA ALA B 181 -22.47 -46.51 -5.22
C ALA B 181 -23.65 -45.67 -4.71
N LYS B 182 -23.45 -44.82 -3.69
CA LYS B 182 -24.53 -44.02 -3.06
C LYS B 182 -24.75 -42.72 -3.83
N ASN B 183 -23.68 -42.00 -4.15
CA ASN B 183 -23.77 -40.76 -4.95
C ASN B 183 -22.46 -40.51 -5.66
N PRO B 184 -22.44 -40.64 -7.01
CA PRO B 184 -21.16 -40.69 -7.70
C PRO B 184 -20.74 -39.30 -8.20
N SER B 185 -21.57 -38.28 -8.00
CA SER B 185 -21.28 -36.93 -8.55
C SER B 185 -21.78 -35.80 -7.64
N TYR B 186 -20.93 -34.77 -7.53
CA TYR B 186 -21.17 -33.53 -6.75
C TYR B 186 -20.87 -32.34 -7.65
N ASN B 187 -21.58 -31.25 -7.41
CA ASN B 187 -21.29 -29.95 -8.02
C ASN B 187 -20.78 -29.03 -6.91
N LEU B 188 -19.71 -28.30 -7.19
CA LEU B 188 -19.28 -27.14 -6.37
C LEU B 188 -19.49 -25.88 -7.20
N VAL B 189 -19.97 -24.85 -6.53
CA VAL B 189 -19.83 -23.45 -6.99
C VAL B 189 -18.69 -22.82 -6.21
N ILE B 190 -17.67 -22.37 -6.95
CA ILE B 190 -16.46 -21.70 -6.39
C ILE B 190 -16.53 -20.23 -6.73
N SER B 191 -16.20 -19.39 -5.75
CA SER B 191 -16.05 -17.94 -5.91
C SER B 191 -14.58 -17.55 -5.74
N VAL B 192 -14.16 -16.53 -6.49
CA VAL B 192 -12.86 -15.85 -6.25
C VAL B 192 -13.13 -14.37 -6.05
N LYS B 193 -12.55 -13.82 -5.01
CA LYS B 193 -12.57 -12.37 -4.74
C LYS B 193 -11.13 -11.86 -4.76
N ASP B 194 -10.95 -10.63 -5.23
CA ASP B 194 -9.70 -9.85 -5.00
C ASP B 194 -9.91 -9.04 -3.72
N MET B 195 -9.00 -8.10 -3.46
CA MET B 195 -8.80 -7.49 -2.12
C MET B 195 -8.69 -8.59 -1.08
N GLY B 196 -7.99 -9.70 -1.39
CA GLY B 196 -7.74 -10.77 -0.39
C GLY B 196 -9.04 -11.30 0.22
N GLY B 197 -10.17 -11.10 -0.48
CA GLY B 197 -11.42 -11.81 -0.17
C GLY B 197 -12.30 -11.06 0.81
N GLN B 198 -11.90 -9.89 1.28
CA GLN B 198 -12.80 -9.05 2.09
C GLN B 198 -13.84 -8.38 1.17
N SER B 199 -15.00 -8.04 1.71
CA SER B 199 -16.20 -7.61 0.95
C SER B 199 -15.96 -6.25 0.30
N GLU B 200 -15.36 -5.33 1.05
CA GLU B 200 -15.41 -3.89 0.75
C GLU B 200 -14.42 -3.62 -0.39
N ASN B 201 -14.95 -3.10 -1.49
CA ASN B 201 -14.16 -2.61 -2.65
C ASN B 201 -13.63 -3.77 -3.50
N SER B 202 -14.21 -4.96 -3.36
CA SER B 202 -13.70 -6.21 -4.01
C SER B 202 -14.60 -6.57 -5.19
N PHE B 203 -14.01 -7.17 -6.22
CA PHE B 203 -14.75 -7.80 -7.33
C PHE B 203 -14.69 -9.31 -7.11
N SER B 204 -15.47 -10.03 -7.89
CA SER B 204 -15.61 -11.49 -7.73
C SER B 204 -16.06 -12.13 -9.06
N ASP B 205 -15.76 -13.42 -9.18
CA ASP B 205 -16.19 -14.33 -10.26
C ASP B 205 -16.63 -15.62 -9.58
N THR B 206 -17.47 -16.42 -10.24
CA THR B 206 -17.83 -17.78 -9.78
C THR B 206 -17.72 -18.74 -10.97
N THR B 207 -17.49 -20.00 -10.65
CA THR B 207 -17.33 -21.07 -11.65
C THR B 207 -17.96 -22.33 -11.10
N SER B 208 -18.35 -23.22 -12.01
CA SER B 208 -18.98 -24.50 -11.68
C SER B 208 -17.92 -25.60 -11.77
N VAL B 209 -17.91 -26.49 -10.78
CA VAL B 209 -17.11 -27.75 -10.81
C VAL B 209 -18.04 -28.95 -10.65
N ASP B 210 -18.06 -29.83 -11.64
CA ASP B 210 -18.65 -31.19 -11.49
C ASP B 210 -17.52 -32.14 -11.15
N ILE B 211 -17.73 -32.94 -10.11
CA ILE B 211 -16.75 -33.93 -9.61
C ILE B 211 -17.39 -35.32 -9.69
N ILE B 212 -16.75 -36.25 -10.39
CA ILE B 212 -17.11 -37.69 -10.29
C ILE B 212 -16.24 -38.37 -9.23
N VAL B 213 -16.88 -39.20 -8.41
CA VAL B 213 -16.19 -40.09 -7.42
C VAL B 213 -15.97 -41.46 -8.06
N THR B 214 -14.71 -41.85 -8.23
CA THR B 214 -14.31 -43.19 -8.79
C THR B 214 -14.06 -44.17 -7.65
N GLU B 215 -14.01 -45.45 -7.98
CA GLU B 215 -14.18 -46.58 -7.03
C GLU B 215 -12.86 -46.77 -6.28
N ASN B 216 -12.92 -47.32 -5.07
CA ASN B 216 -11.71 -47.76 -4.34
C ASN B 216 -11.86 -49.22 -3.93
CA CA C . 11.65 8.89 7.54
CA CA D . 14.89 9.14 9.70
CA CA E . 7.17 3.95 7.59
CA CA F . -6.68 0.66 -14.97
CA CA G . -5.64 -1.46 -11.85
CA CA H . -8.70 -6.80 -9.19
#